data_8QGV
#
_entry.id   8QGV
#
_cell.length_a   62.940
_cell.length_b   71.140
_cell.length_c   120.920
_cell.angle_alpha   90.000
_cell.angle_beta   90.000
_cell.angle_gamma   90.000
#
_symmetry.space_group_name_H-M   'P 21 21 21'
#
loop_
_entity.id
_entity.type
_entity.pdbx_description
1 polymer 'Carbonic anhydrase 1'
2 non-polymer 'ZINC ION'
3 non-polymer 'ethyl (4~{S})-6-methyl-2-oxidanylidene-4-(4-sulfamoylphenyl)-3,4-dihydro-1~{H}-pyrimidine-5-carboxylate'
4 water water
#
_entity_poly.entity_id   1
_entity_poly.type   'polypeptide(L)'
_entity_poly.pdbx_seq_one_letter_code
;MASPDWGYDDKNGPEQWSKLYPIANGNNQSPVDIKTSETKHDTSLKPISVSYNPATAKEIINVGHSFHVNFEDNDNRSVL
KGGPFSDSYRLFQFHFHWGSTNEHGSEHTVDGVKYSAELHVAHWNSAKYSSLAEAASKADGLAVIGVLMKVGEANPKLQK
VLDALQAIKTKGKRAPFTNFDPSTLLPSSLDFWTYPGSLTHPPLYESVTWIICKESISVSSEQLAQFRSLLSNVEGDNAV
PMQHNNRPTQPLKGRTVRASF
;
_entity_poly.pdbx_strand_id   AAA,BBB
#
loop_
_chem_comp.id
_chem_comp.type
_chem_comp.name
_chem_comp.formula
V2I non-polymer 'ethyl (4~{S})-6-methyl-2-oxidanylidene-4-(4-sulfamoylphenyl)-3,4-dihydro-1~{H}-pyrimidine-5-carboxylate' 'C14 H17 N3 O5 S'
ZN non-polymer 'ZINC ION' 'Zn 2'
#
# COMPACT_ATOMS: atom_id res chain seq x y z
N TRP A 6 0.42 -23.50 -4.27
CA TRP A 6 0.11 -22.75 -5.55
C TRP A 6 -0.02 -21.26 -5.25
N GLY A 7 0.28 -20.44 -6.26
CA GLY A 7 0.13 -18.97 -6.18
C GLY A 7 0.07 -18.39 -7.58
N TYR A 8 0.55 -17.18 -7.72
CA TYR A 8 0.53 -16.40 -8.98
C TYR A 8 1.96 -16.10 -9.45
N ASP A 9 2.99 -16.47 -8.68
CA ASP A 9 4.44 -16.32 -9.01
C ASP A 9 4.79 -17.13 -10.26
N ASP A 10 5.97 -16.90 -10.84
CA ASP A 10 6.42 -17.68 -12.02
C ASP A 10 6.52 -19.17 -11.64
N LYS A 11 6.98 -19.48 -10.42
CA LYS A 11 7.26 -20.87 -9.96
C LYS A 11 5.97 -21.62 -9.64
N ASN A 12 5.01 -21.00 -8.93
CA ASN A 12 3.81 -21.70 -8.42
C ASN A 12 2.54 -21.20 -9.13
N GLY A 13 2.68 -20.51 -10.27
CA GLY A 13 1.61 -19.72 -10.94
C GLY A 13 0.79 -20.48 -11.98
N PRO A 14 -0.18 -19.78 -12.64
CA PRO A 14 -1.07 -20.40 -13.62
C PRO A 14 -0.47 -21.40 -14.62
N GLU A 15 0.74 -21.13 -15.14
CA GLU A 15 1.34 -21.96 -16.23
C GLU A 15 1.87 -23.26 -15.62
N GLN A 16 2.06 -23.29 -14.30
CA GLN A 16 2.58 -24.46 -13.52
C GLN A 16 1.44 -25.23 -12.82
N TRP A 17 0.25 -24.63 -12.66
CA TRP A 17 -0.88 -25.27 -11.92
C TRP A 17 -1.16 -26.69 -12.42
N SER A 18 -0.98 -26.98 -13.72
CA SER A 18 -1.37 -28.28 -14.35
C SER A 18 -0.61 -29.48 -13.74
N LYS A 19 0.59 -29.27 -13.22
CA LYS A 19 1.45 -30.35 -12.65
C LYS A 19 0.71 -31.04 -11.49
N LEU A 20 0.16 -30.25 -10.57
CA LEU A 20 -0.58 -30.79 -9.40
C LEU A 20 -2.08 -30.89 -9.71
N TYR A 21 -2.62 -30.01 -10.57
CA TYR A 21 -4.06 -29.98 -10.94
C TYR A 21 -4.21 -30.12 -12.45
N PRO A 22 -4.18 -31.37 -12.97
CA PRO A 22 -4.31 -31.62 -14.39
C PRO A 22 -5.57 -31.05 -15.06
N ILE A 23 -6.63 -30.84 -14.28
CA ILE A 23 -7.90 -30.25 -14.80
C ILE A 23 -7.62 -28.83 -15.35
N ALA A 24 -6.46 -28.25 -15.07
CA ALA A 24 -6.02 -26.93 -15.59
C ALA A 24 -6.06 -26.95 -17.12
N ASN A 25 -5.86 -28.12 -17.72
CA ASN A 25 -5.81 -28.31 -19.20
C ASN A 25 -7.12 -28.94 -19.65
N GLY A 26 -8.19 -28.78 -18.86
CA GLY A 26 -9.51 -29.35 -19.14
C GLY A 26 -10.24 -28.63 -20.25
N ASN A 27 -11.47 -29.04 -20.49
CA ASN A 27 -12.35 -28.54 -21.57
C ASN A 27 -13.33 -27.49 -21.06
N ASN A 28 -13.36 -27.22 -19.74
CA ASN A 28 -14.35 -26.30 -19.12
C ASN A 28 -13.60 -25.35 -18.19
N GLN A 29 -12.40 -24.90 -18.57
CA GLN A 29 -11.58 -23.99 -17.75
C GLN A 29 -12.00 -22.54 -17.95
N SER A 30 -11.89 -21.78 -16.87
CA SER A 30 -12.23 -20.33 -16.80
C SER A 30 -10.97 -19.61 -16.34
N PRO A 31 -10.75 -18.31 -16.66
CA PRO A 31 -11.72 -17.52 -17.39
C PRO A 31 -11.53 -17.68 -18.90
N VAL A 32 -12.35 -16.98 -19.67
CA VAL A 32 -12.28 -17.03 -21.15
C VAL A 32 -12.33 -15.61 -21.71
N ASP A 33 -11.87 -15.49 -22.97
CA ASP A 33 -12.16 -14.32 -23.81
C ASP A 33 -13.56 -14.48 -24.40
N ILE A 34 -14.45 -13.52 -24.14
CA ILE A 34 -15.82 -13.51 -24.74
C ILE A 34 -15.76 -12.78 -26.08
N LYS A 35 -15.81 -13.52 -27.18
CA LYS A 35 -15.94 -12.97 -28.56
C LYS A 35 -17.43 -12.68 -28.87
N THR A 36 -17.79 -11.39 -28.96
CA THR A 36 -19.21 -10.94 -29.08
C THR A 36 -19.77 -11.38 -30.44
N SER A 37 -18.93 -11.47 -31.49
CA SER A 37 -19.34 -11.96 -32.84
C SER A 37 -19.79 -13.42 -32.73
N GLU A 38 -19.15 -14.21 -31.85
CA GLU A 38 -19.39 -15.68 -31.69
C GLU A 38 -20.41 -16.03 -30.58
N THR A 39 -21.02 -15.07 -29.88
CA THR A 39 -22.03 -15.38 -28.82
C THR A 39 -23.38 -15.76 -29.47
N LYS A 40 -24.16 -16.60 -28.82
CA LYS A 40 -25.48 -17.03 -29.32
C LYS A 40 -26.56 -16.43 -28.41
N HIS A 41 -27.36 -15.49 -28.93
CA HIS A 41 -28.53 -14.95 -28.18
C HIS A 41 -29.47 -16.12 -27.91
N ASP A 42 -29.86 -16.30 -26.64
CA ASP A 42 -30.70 -17.42 -26.17
C ASP A 42 -31.94 -16.84 -25.49
N THR A 43 -33.09 -17.13 -26.09
CA THR A 43 -34.44 -16.59 -25.80
C THR A 43 -34.97 -17.18 -24.48
N SER A 44 -34.55 -18.39 -24.11
CA SER A 44 -34.95 -19.11 -22.86
C SER A 44 -34.39 -18.43 -21.60
N LEU A 45 -33.27 -17.69 -21.70
CA LEU A 45 -32.58 -17.08 -20.52
C LEU A 45 -33.52 -16.10 -19.82
N LYS A 46 -33.84 -16.34 -18.55
CA LYS A 46 -34.66 -15.42 -17.73
C LYS A 46 -33.77 -14.30 -17.18
N PRO A 47 -34.35 -13.17 -16.73
CA PRO A 47 -33.57 -12.15 -16.03
C PRO A 47 -32.88 -12.77 -14.79
N ILE A 48 -31.68 -12.28 -14.49
CA ILE A 48 -30.94 -12.64 -13.24
C ILE A 48 -31.69 -11.97 -12.09
N SER A 49 -31.96 -12.70 -11.02
CA SER A 49 -32.63 -12.16 -9.83
C SER A 49 -31.72 -12.39 -8.61
N VAL A 50 -31.24 -11.31 -7.98
CA VAL A 50 -30.53 -11.42 -6.67
C VAL A 50 -31.35 -10.78 -5.54
N SER A 51 -31.38 -11.47 -4.41
CA SER A 51 -32.03 -11.00 -3.17
C SER A 51 -31.13 -11.42 -2.02
N TYR A 52 -30.31 -10.50 -1.55
CA TYR A 52 -29.32 -10.75 -0.49
C TYR A 52 -29.73 -9.98 0.76
N ASN A 53 -29.73 -10.67 1.88
CA ASN A 53 -30.03 -10.07 3.21
C ASN A 53 -28.71 -9.57 3.80
N PRO A 54 -28.56 -8.27 4.13
CA PRO A 54 -27.28 -7.75 4.65
C PRO A 54 -26.82 -8.43 5.95
N ALA A 55 -27.76 -9.05 6.68
CA ALA A 55 -27.45 -9.77 7.94
C ALA A 55 -26.65 -11.07 7.68
N THR A 56 -26.48 -11.54 6.44
CA THR A 56 -25.71 -12.78 6.18
C THR A 56 -24.22 -12.48 6.05
N ALA A 57 -23.82 -11.22 5.98
CA ALA A 57 -22.38 -10.88 5.89
C ALA A 57 -21.71 -11.29 7.20
N LYS A 58 -20.57 -11.97 7.13
CA LYS A 58 -19.93 -12.58 8.32
C LYS A 58 -18.51 -12.07 8.54
N GLU A 59 -17.60 -12.18 7.59
CA GLU A 59 -16.16 -12.11 7.92
C GLU A 59 -15.39 -11.71 6.66
N ILE A 60 -14.35 -10.91 6.84
CA ILE A 60 -13.34 -10.65 5.78
C ILE A 60 -12.02 -11.30 6.21
N ILE A 61 -11.36 -11.96 5.28
CA ILE A 61 -10.16 -12.80 5.55
C ILE A 61 -9.12 -12.49 4.49
N ASN A 62 -7.89 -12.34 4.94
CA ASN A 62 -6.69 -12.30 4.07
C ASN A 62 -6.26 -13.74 3.88
N VAL A 63 -6.41 -14.26 2.65
CA VAL A 63 -6.05 -15.67 2.31
C VAL A 63 -4.74 -15.74 1.52
N GLY A 64 -3.92 -14.69 1.58
CA GLY A 64 -2.52 -14.72 1.10
C GLY A 64 -2.39 -14.34 -0.35
N HIS A 65 -3.24 -14.90 -1.23
CA HIS A 65 -3.29 -14.62 -2.69
C HIS A 65 -4.38 -13.59 -3.01
N SER A 66 -5.25 -13.27 -2.05
CA SER A 66 -6.47 -12.47 -2.22
C SER A 66 -7.06 -12.21 -0.84
N PHE A 67 -8.22 -11.58 -0.81
CA PHE A 67 -9.02 -11.47 0.41
C PHE A 67 -10.42 -11.89 0.02
N HIS A 68 -11.13 -12.48 0.97
CA HIS A 68 -12.51 -12.95 0.76
C HIS A 68 -13.45 -12.27 1.75
N VAL A 69 -14.69 -12.04 1.34
CA VAL A 69 -15.77 -11.63 2.28
C VAL A 69 -16.74 -12.80 2.27
N ASN A 70 -16.89 -13.47 3.41
CA ASN A 70 -17.73 -14.68 3.54
C ASN A 70 -19.08 -14.30 4.13
N PHE A 71 -20.09 -15.06 3.72
CA PHE A 71 -21.50 -14.93 4.18
C PHE A 71 -21.92 -16.21 4.92
N GLU A 72 -22.72 -16.04 5.97
CA GLU A 72 -23.51 -17.14 6.59
C GLU A 72 -24.32 -17.76 5.47
N ASP A 73 -24.20 -19.08 5.28
CA ASP A 73 -24.92 -19.83 4.21
C ASP A 73 -25.77 -20.99 4.77
N ASN A 74 -26.39 -20.82 5.94
CA ASN A 74 -27.15 -21.90 6.64
C ASN A 74 -28.60 -21.92 6.15
N ASP A 75 -29.05 -20.96 5.34
CA ASP A 75 -30.43 -20.92 4.83
C ASP A 75 -30.48 -20.02 3.60
N ASN A 76 -31.70 -19.79 3.12
CA ASN A 76 -31.95 -19.10 1.83
C ASN A 76 -32.26 -17.63 2.03
N ARG A 77 -31.73 -17.00 3.07
CA ARG A 77 -31.80 -15.52 3.21
C ARG A 77 -31.18 -14.77 2.01
N SER A 78 -30.12 -15.28 1.40
CA SER A 78 -29.35 -14.57 0.33
C SER A 78 -29.23 -15.49 -0.88
N VAL A 79 -29.92 -15.21 -1.98
CA VAL A 79 -30.06 -16.23 -3.06
C VAL A 79 -29.98 -15.57 -4.43
N LEU A 80 -29.46 -16.32 -5.40
CA LEU A 80 -29.47 -16.01 -6.85
C LEU A 80 -30.47 -16.95 -7.54
N LYS A 81 -31.23 -16.43 -8.49
CA LYS A 81 -32.29 -17.14 -9.26
C LYS A 81 -32.33 -16.57 -10.69
N GLY A 82 -33.00 -17.29 -11.58
CA GLY A 82 -33.22 -16.87 -12.98
C GLY A 82 -32.01 -17.15 -13.84
N GLY A 83 -31.74 -16.28 -14.79
CA GLY A 83 -30.72 -16.50 -15.83
C GLY A 83 -30.94 -17.89 -16.39
N PRO A 84 -29.88 -18.73 -16.48
CA PRO A 84 -30.00 -20.09 -17.01
C PRO A 84 -30.43 -21.18 -16.01
N PHE A 85 -30.83 -20.79 -14.80
CA PHE A 85 -31.00 -21.69 -13.65
C PHE A 85 -32.47 -21.95 -13.37
N SER A 86 -32.82 -23.19 -12.97
CA SER A 86 -34.14 -23.56 -12.41
C SER A 86 -34.01 -23.67 -10.88
N ASP A 87 -32.81 -24.00 -10.39
CA ASP A 87 -32.50 -24.11 -8.94
C ASP A 87 -32.21 -22.71 -8.38
N SER A 88 -32.42 -22.52 -7.09
CA SER A 88 -32.01 -21.32 -6.32
C SER A 88 -30.56 -21.54 -5.82
N TYR A 89 -29.68 -20.53 -5.95
CA TYR A 89 -28.26 -20.65 -5.53
C TYR A 89 -28.04 -19.74 -4.33
N ARG A 90 -27.33 -20.24 -3.33
CA ARG A 90 -27.13 -19.53 -2.05
C ARG A 90 -25.80 -18.78 -2.09
N LEU A 91 -25.81 -17.49 -1.73
CA LEU A 91 -24.58 -16.66 -1.69
C LEU A 91 -23.65 -17.23 -0.62
N PHE A 92 -22.36 -17.31 -0.87
CA PHE A 92 -21.40 -17.68 0.21
C PHE A 92 -20.21 -16.72 0.30
N GLN A 93 -19.85 -16.02 -0.78
CA GLN A 93 -18.59 -15.24 -0.74
C GLN A 93 -18.61 -14.22 -1.86
N PHE A 94 -17.87 -13.13 -1.69
CA PHE A 94 -17.40 -12.35 -2.86
C PHE A 94 -15.94 -12.03 -2.62
N HIS A 95 -15.26 -11.79 -3.73
CA HIS A 95 -13.84 -11.43 -3.77
C HIS A 95 -13.53 -10.73 -5.10
N PHE A 96 -12.30 -10.28 -5.23
CA PHE A 96 -11.87 -9.52 -6.43
C PHE A 96 -10.64 -10.21 -6.98
N HIS A 97 -10.38 -9.92 -8.26
CA HIS A 97 -9.06 -10.13 -8.89
C HIS A 97 -8.57 -8.81 -9.48
N TRP A 98 -7.27 -8.66 -9.46
CA TRP A 98 -6.59 -7.44 -9.97
C TRP A 98 -5.21 -7.85 -10.51
N GLY A 99 -4.58 -6.92 -11.23
CA GLY A 99 -3.29 -7.10 -11.93
C GLY A 99 -2.24 -6.16 -11.39
N SER A 100 -0.96 -6.29 -11.80
CA SER A 100 0.16 -5.48 -11.28
C SER A 100 -0.01 -4.02 -11.75
N THR A 101 -0.65 -3.81 -12.90
CA THR A 101 -0.97 -2.47 -13.45
C THR A 101 -2.44 -2.39 -13.88
N ASN A 102 -2.94 -1.15 -14.06
CA ASN A 102 -4.32 -0.79 -14.49
C ASN A 102 -4.67 -1.45 -15.83
N GLU A 103 -3.65 -1.71 -16.66
CA GLU A 103 -3.70 -2.23 -18.06
C GLU A 103 -4.29 -3.66 -18.09
N HIS A 104 -4.12 -4.48 -17.05
CA HIS A 104 -4.68 -5.85 -16.93
CA HIS A 104 -4.85 -5.80 -16.97
C HIS A 104 -5.19 -6.00 -15.48
N GLY A 105 -5.84 -7.09 -15.17
CA GLY A 105 -6.28 -7.34 -13.79
C GLY A 105 -7.57 -8.11 -13.79
N SER A 106 -8.42 -7.91 -14.80
CA SER A 106 -9.64 -8.74 -14.98
C SER A 106 -9.20 -10.16 -15.34
N GLU A 107 -10.09 -11.13 -15.12
CA GLU A 107 -9.84 -12.53 -15.51
C GLU A 107 -10.50 -12.73 -16.87
N HIS A 108 -11.82 -12.54 -16.93
CA HIS A 108 -12.53 -12.51 -18.23
C HIS A 108 -12.07 -11.27 -19.02
N THR A 109 -12.10 -11.40 -20.33
CA THR A 109 -11.84 -10.32 -21.31
C THR A 109 -13.02 -10.33 -22.28
N VAL A 110 -13.28 -9.19 -22.92
CA VAL A 110 -14.41 -9.06 -23.88
C VAL A 110 -13.79 -8.54 -25.18
N ASP A 111 -13.71 -9.40 -26.20
CA ASP A 111 -13.12 -9.09 -27.53
C ASP A 111 -11.66 -8.67 -27.36
N GLY A 112 -10.94 -9.38 -26.48
CA GLY A 112 -9.51 -9.16 -26.23
C GLY A 112 -9.23 -8.02 -25.26
N VAL A 113 -10.24 -7.25 -24.82
CA VAL A 113 -10.02 -6.06 -23.97
C VAL A 113 -9.89 -6.56 -22.53
N LYS A 114 -8.86 -6.09 -21.85
CA LYS A 114 -8.52 -6.46 -20.45
C LYS A 114 -9.00 -5.30 -19.58
N TYR A 115 -9.79 -5.57 -18.54
CA TYR A 115 -10.18 -4.55 -17.54
C TYR A 115 -9.20 -4.58 -16.36
N SER A 116 -9.34 -3.63 -15.44
CA SER A 116 -8.34 -3.39 -14.38
C SER A 116 -8.52 -4.39 -13.22
N ALA A 117 -9.72 -4.89 -13.07
CA ALA A 117 -10.06 -5.81 -11.96
C ALA A 117 -11.34 -6.55 -12.29
N GLU A 118 -11.73 -7.48 -11.42
CA GLU A 118 -12.99 -8.23 -11.62
C GLU A 118 -13.55 -8.63 -10.26
N LEU A 119 -14.85 -8.42 -10.09
CA LEU A 119 -15.65 -8.84 -8.90
C LEU A 119 -16.30 -10.18 -9.20
N HIS A 120 -16.18 -11.11 -8.25
CA HIS A 120 -16.81 -12.46 -8.26
C HIS A 120 -17.72 -12.62 -7.03
N VAL A 121 -19.00 -12.83 -7.27
CA VAL A 121 -20.03 -13.12 -6.24
C VAL A 121 -20.42 -14.58 -6.44
N ALA A 122 -20.03 -15.43 -5.48
CA ALA A 122 -20.07 -16.90 -5.62
C ALA A 122 -21.25 -17.45 -4.80
N HIS A 123 -21.92 -18.45 -5.36
CA HIS A 123 -23.18 -19.06 -4.84
C HIS A 123 -23.12 -20.58 -5.01
N TRP A 124 -23.82 -21.35 -4.17
CA TRP A 124 -23.86 -22.82 -4.32
C TRP A 124 -25.30 -23.34 -4.38
N ASN A 125 -25.47 -24.44 -5.12
CA ASN A 125 -26.79 -25.01 -5.47
C ASN A 125 -27.36 -25.71 -4.24
N SER A 126 -28.12 -24.99 -3.43
CA SER A 126 -28.78 -25.48 -2.21
C SER A 126 -30.11 -26.21 -2.55
N ALA A 127 -30.59 -26.18 -3.80
CA ALA A 127 -31.77 -27.01 -4.19
C ALA A 127 -31.35 -28.49 -4.24
N LYS A 128 -30.21 -28.77 -4.88
CA LYS A 128 -29.71 -30.13 -5.18
C LYS A 128 -28.76 -30.61 -4.08
N TYR A 129 -27.99 -29.73 -3.40
CA TYR A 129 -26.89 -30.19 -2.49
C TYR A 129 -27.13 -29.63 -1.10
N SER A 130 -26.47 -30.21 -0.08
CA SER A 130 -26.73 -29.86 1.34
CA SER A 130 -26.69 -29.92 1.35
C SER A 130 -25.62 -28.97 1.89
N SER A 131 -24.51 -28.80 1.17
CA SER A 131 -23.38 -27.92 1.62
C SER A 131 -22.55 -27.40 0.44
N LEU A 132 -21.82 -26.32 0.67
CA LEU A 132 -20.79 -25.84 -0.29
C LEU A 132 -19.82 -26.99 -0.64
N ALA A 133 -19.31 -27.72 0.36
CA ALA A 133 -18.33 -28.82 0.18
C ALA A 133 -18.89 -29.87 -0.78
N GLU A 134 -20.17 -30.23 -0.66
CA GLU A 134 -20.80 -31.19 -1.60
C GLU A 134 -20.92 -30.53 -2.99
N ALA A 135 -21.40 -29.29 -3.06
CA ALA A 135 -21.76 -28.61 -4.32
C ALA A 135 -20.52 -28.32 -5.19
N ALA A 136 -19.38 -28.09 -4.55
CA ALA A 136 -18.16 -27.44 -5.10
C ALA A 136 -17.55 -28.24 -6.27
N SER A 137 -17.73 -29.57 -6.32
CA SER A 137 -17.10 -30.42 -7.37
C SER A 137 -18.12 -30.83 -8.46
N LYS A 138 -19.40 -30.49 -8.30
CA LYS A 138 -20.52 -30.95 -9.17
C LYS A 138 -20.69 -29.98 -10.34
N ALA A 139 -20.92 -30.50 -11.56
CA ALA A 139 -21.09 -29.69 -12.80
C ALA A 139 -22.05 -28.53 -12.56
N ASP A 140 -23.12 -28.72 -11.78
CA ASP A 140 -24.20 -27.71 -11.57
C ASP A 140 -24.13 -27.14 -10.14
N GLY A 141 -22.97 -27.24 -9.50
CA GLY A 141 -22.83 -26.95 -8.07
C GLY A 141 -22.71 -25.46 -7.75
N LEU A 142 -21.97 -24.70 -8.57
CA LEU A 142 -21.63 -23.26 -8.29
C LEU A 142 -22.17 -22.35 -9.39
N ALA A 143 -22.51 -21.13 -9.00
CA ALA A 143 -22.92 -20.00 -9.87
C ALA A 143 -22.11 -18.77 -9.43
N VAL A 144 -21.33 -18.19 -10.33
CA VAL A 144 -20.50 -17.02 -9.97
C VAL A 144 -20.85 -15.90 -10.94
N ILE A 145 -21.23 -14.75 -10.39
CA ILE A 145 -21.40 -13.50 -11.18
C ILE A 145 -20.04 -12.85 -11.27
N GLY A 146 -19.61 -12.53 -12.50
CA GLY A 146 -18.38 -11.79 -12.79
C GLY A 146 -18.74 -10.38 -13.24
N VAL A 147 -18.18 -9.36 -12.61
CA VAL A 147 -18.37 -7.93 -13.01
C VAL A 147 -17.01 -7.36 -13.39
N LEU A 148 -16.88 -6.91 -14.63
CA LEU A 148 -15.65 -6.28 -15.10
C LEU A 148 -15.56 -4.89 -14.46
N MET A 149 -14.37 -4.56 -13.97
CA MET A 149 -14.12 -3.29 -13.27
C MET A 149 -13.16 -2.43 -14.11
N LYS A 150 -13.65 -1.27 -14.57
CA LYS A 150 -12.95 -0.37 -15.51
C LYS A 150 -12.39 0.81 -14.71
N VAL A 151 -11.08 0.96 -14.77
CA VAL A 151 -10.38 2.10 -14.13
C VAL A 151 -11.02 3.40 -14.63
N GLY A 152 -11.39 4.25 -13.70
CA GLY A 152 -11.92 5.60 -13.93
C GLY A 152 -12.27 6.19 -12.58
N GLU A 153 -13.51 6.62 -12.41
CA GLU A 153 -13.94 7.36 -11.21
C GLU A 153 -13.89 6.42 -10.00
N ALA A 154 -13.47 6.91 -8.83
CA ALA A 154 -13.65 6.23 -7.54
C ALA A 154 -15.07 5.67 -7.46
N ASN A 155 -15.22 4.45 -6.97
CA ASN A 155 -16.54 3.80 -6.80
C ASN A 155 -16.92 3.86 -5.33
N PRO A 156 -17.83 4.75 -4.90
CA PRO A 156 -18.18 4.84 -3.48
C PRO A 156 -18.78 3.54 -2.90
N LYS A 157 -19.37 2.64 -3.70
CA LYS A 157 -19.96 1.37 -3.20
C LYS A 157 -18.88 0.43 -2.62
N LEU A 158 -17.63 0.54 -3.07
CA LEU A 158 -16.48 -0.27 -2.55
C LEU A 158 -16.05 0.14 -1.15
N GLN A 159 -16.63 1.22 -0.60
CA GLN A 159 -16.05 2.00 0.52
C GLN A 159 -15.90 1.11 1.74
N LYS A 160 -16.98 0.41 2.13
CA LYS A 160 -16.95 -0.43 3.35
C LYS A 160 -15.86 -1.47 3.17
N VAL A 161 -15.74 -2.06 1.97
CA VAL A 161 -14.76 -3.16 1.73
C VAL A 161 -13.36 -2.59 1.88
N LEU A 162 -13.07 -1.47 1.22
CA LEU A 162 -11.72 -0.86 1.24
C LEU A 162 -11.32 -0.44 2.65
N ASP A 163 -12.23 0.17 3.41
CA ASP A 163 -12.02 0.62 4.80
C ASP A 163 -11.66 -0.57 5.70
N ALA A 164 -12.10 -1.80 5.37
CA ALA A 164 -11.93 -3.01 6.21
C ALA A 164 -10.51 -3.58 6.03
N LEU A 165 -9.80 -3.24 4.96
CA LEU A 165 -8.53 -3.95 4.63
C LEU A 165 -7.44 -3.63 5.66
N GLN A 166 -7.45 -2.43 6.26
CA GLN A 166 -6.43 -2.00 7.25
C GLN A 166 -6.42 -3.00 8.42
N ALA A 167 -7.53 -3.69 8.68
CA ALA A 167 -7.64 -4.70 9.78
C ALA A 167 -7.16 -6.08 9.38
N ILE A 168 -6.93 -6.35 8.09
CA ILE A 168 -6.53 -7.70 7.58
C ILE A 168 -5.35 -7.52 6.63
N LYS A 169 -4.32 -6.78 7.04
CA LYS A 169 -3.22 -6.39 6.13
C LYS A 169 -2.38 -7.59 5.75
N THR A 170 -2.24 -8.56 6.67
CA THR A 170 -1.31 -9.71 6.49
C THR A 170 -2.10 -11.03 6.46
N LYS A 171 -1.44 -12.03 5.93
CA LYS A 171 -2.00 -13.35 5.63
C LYS A 171 -2.60 -13.99 6.87
N GLY A 172 -3.82 -14.53 6.76
CA GLY A 172 -4.45 -15.22 7.89
C GLY A 172 -5.25 -14.29 8.76
N LYS A 173 -5.02 -12.98 8.68
CA LYS A 173 -5.78 -12.02 9.53
C LYS A 173 -7.25 -12.06 9.08
N ARG A 174 -8.19 -11.93 10.02
CA ARG A 174 -9.63 -12.00 9.68
C ARG A 174 -10.37 -11.08 10.65
N ALA A 175 -11.52 -10.54 10.23
CA ALA A 175 -12.30 -9.57 11.03
C ALA A 175 -13.77 -9.73 10.69
N PRO A 176 -14.68 -9.45 11.66
CA PRO A 176 -16.10 -9.42 11.36
C PRO A 176 -16.32 -8.46 10.19
N PHE A 177 -17.19 -8.82 9.29
CA PHE A 177 -17.64 -7.92 8.21
C PHE A 177 -19.13 -8.12 8.11
N THR A 178 -19.94 -7.17 8.61
CA THR A 178 -21.35 -7.42 8.88
C THR A 178 -22.20 -6.37 8.19
N ASN A 179 -23.47 -6.69 8.06
CA ASN A 179 -24.53 -5.75 7.61
C ASN A 179 -24.18 -5.18 6.23
N PHE A 180 -23.98 -6.03 5.24
CA PHE A 180 -23.57 -5.61 3.88
C PHE A 180 -24.25 -6.50 2.83
N ASP A 181 -24.95 -5.83 1.91
CA ASP A 181 -25.64 -6.44 0.75
C ASP A 181 -24.77 -6.24 -0.49
N PRO A 182 -24.08 -7.29 -1.03
CA PRO A 182 -23.15 -7.10 -2.13
C PRO A 182 -23.85 -6.89 -3.49
N SER A 183 -25.18 -7.00 -3.53
CA SER A 183 -25.94 -6.57 -4.74
C SER A 183 -25.75 -5.05 -4.95
N THR A 184 -25.34 -4.29 -3.95
CA THR A 184 -25.01 -2.84 -4.11
C THR A 184 -23.81 -2.64 -5.05
N LEU A 185 -22.94 -3.65 -5.24
CA LEU A 185 -21.72 -3.56 -6.08
C LEU A 185 -22.02 -3.88 -7.55
N LEU A 186 -23.19 -4.45 -7.85
CA LEU A 186 -23.50 -4.93 -9.23
C LEU A 186 -23.87 -3.74 -10.11
N PRO A 187 -23.68 -3.83 -11.45
CA PRO A 187 -24.06 -2.72 -12.33
C PRO A 187 -25.59 -2.61 -12.41
N SER A 188 -26.14 -1.46 -12.84
CA SER A 188 -27.62 -1.25 -12.81
C SER A 188 -28.31 -2.15 -13.86
N SER A 189 -27.64 -2.45 -14.98
CA SER A 189 -28.06 -3.46 -15.97
C SER A 189 -27.45 -4.79 -15.55
N LEU A 190 -28.28 -5.84 -15.50
CA LEU A 190 -27.86 -7.25 -15.27
C LEU A 190 -27.98 -8.07 -16.56
N ASP A 191 -27.94 -7.42 -17.74
CA ASP A 191 -27.72 -8.13 -19.03
C ASP A 191 -26.41 -8.92 -18.90
N PHE A 192 -26.38 -10.15 -19.38
CA PHE A 192 -25.24 -11.05 -19.09
C PHE A 192 -24.92 -12.00 -20.22
N TRP A 193 -23.68 -12.50 -20.18
CA TRP A 193 -23.24 -13.71 -20.90
C TRP A 193 -23.25 -14.88 -19.89
N THR A 194 -23.47 -16.11 -20.36
CA THR A 194 -23.26 -17.32 -19.54
C THR A 194 -22.53 -18.41 -20.34
N TYR A 195 -21.72 -19.19 -19.64
CA TYR A 195 -21.00 -20.37 -20.17
C TYR A 195 -20.65 -21.32 -19.03
N PRO A 196 -20.60 -22.62 -19.32
CA PRO A 196 -20.10 -23.62 -18.37
C PRO A 196 -18.57 -23.56 -18.20
N GLY A 197 -18.07 -23.46 -16.95
CA GLY A 197 -16.64 -23.28 -16.71
C GLY A 197 -16.22 -23.78 -15.34
N SER A 198 -15.27 -23.09 -14.75
CA SER A 198 -14.49 -23.62 -13.62
C SER A 198 -14.21 -22.52 -12.60
N LEU A 199 -13.72 -22.92 -11.42
CA LEU A 199 -13.01 -22.00 -10.51
C LEU A 199 -11.77 -21.53 -11.28
N THR A 200 -11.40 -20.28 -11.12
CA THR A 200 -10.22 -19.69 -11.82
C THR A 200 -8.91 -19.88 -11.07
N HIS A 201 -8.90 -20.58 -9.94
CA HIS A 201 -7.65 -21.01 -9.26
C HIS A 201 -7.85 -22.40 -8.68
N PRO A 202 -6.75 -23.09 -8.35
CA PRO A 202 -6.85 -24.40 -7.72
C PRO A 202 -7.88 -24.42 -6.60
N PRO A 203 -8.70 -25.48 -6.51
CA PRO A 203 -8.51 -26.69 -7.33
C PRO A 203 -9.21 -26.75 -8.70
N LEU A 204 -9.66 -25.61 -9.25
CA LEU A 204 -9.99 -25.47 -10.68
C LEU A 204 -11.17 -26.40 -11.06
N TYR A 205 -12.00 -26.82 -10.10
CA TYR A 205 -13.19 -27.67 -10.35
C TYR A 205 -14.02 -27.05 -11.46
N GLU A 206 -14.50 -27.90 -12.37
CA GLU A 206 -15.36 -27.54 -13.52
C GLU A 206 -16.81 -27.58 -13.04
N SER A 207 -17.14 -26.72 -12.08
CA SER A 207 -18.40 -26.72 -11.30
C SER A 207 -19.16 -25.39 -11.43
N VAL A 208 -18.64 -24.43 -12.17
CA VAL A 208 -19.19 -23.04 -12.21
C VAL A 208 -20.01 -22.79 -13.49
N THR A 209 -21.26 -22.34 -13.32
CA THR A 209 -22.01 -21.57 -14.33
C THR A 209 -21.66 -20.09 -14.14
N TRP A 210 -20.95 -19.54 -15.12
CA TRP A 210 -20.51 -18.13 -15.10
C TRP A 210 -21.64 -17.25 -15.60
N ILE A 211 -21.88 -16.15 -14.90
CA ILE A 211 -22.78 -15.02 -15.25
C ILE A 211 -21.89 -13.78 -15.34
N ILE A 212 -21.56 -13.34 -16.55
CA ILE A 212 -20.65 -12.21 -16.80
C ILE A 212 -21.53 -11.03 -17.19
N CYS A 213 -21.51 -9.97 -16.37
CA CYS A 213 -22.27 -8.73 -16.66
C CYS A 213 -21.69 -8.04 -17.90
N LYS A 214 -22.58 -7.59 -18.77
CA LYS A 214 -22.23 -6.79 -19.97
C LYS A 214 -21.71 -5.41 -19.52
N GLU A 215 -22.33 -4.84 -18.50
CA GLU A 215 -22.01 -3.48 -18.01
C GLU A 215 -20.87 -3.61 -17.00
N SER A 216 -19.84 -2.80 -17.14
CA SER A 216 -18.70 -2.71 -16.20
C SER A 216 -19.13 -1.85 -15.00
N ILE A 217 -18.37 -1.90 -13.90
CA ILE A 217 -18.52 -0.93 -12.77
C ILE A 217 -17.18 -0.21 -12.72
N SER A 218 -17.12 0.96 -12.08
CA SER A 218 -15.85 1.71 -12.06
C SER A 218 -15.03 1.32 -10.83
N VAL A 219 -13.76 1.69 -10.90
CA VAL A 219 -12.76 1.64 -9.79
C VAL A 219 -11.68 2.67 -10.10
N SER A 220 -11.18 3.40 -9.09
CA SER A 220 -10.10 4.40 -9.32
C SER A 220 -8.75 3.69 -9.23
N SER A 221 -7.72 4.28 -9.84
CA SER A 221 -6.32 3.79 -9.72
C SER A 221 -5.92 3.68 -8.24
N GLU A 222 -6.41 4.59 -7.38
CA GLU A 222 -6.07 4.62 -5.93
C GLU A 222 -6.82 3.49 -5.20
N GLN A 223 -8.07 3.25 -5.55
CA GLN A 223 -8.83 2.07 -5.02
C GLN A 223 -8.06 0.79 -5.38
N LEU A 224 -7.62 0.64 -6.61
CA LEU A 224 -6.79 -0.52 -7.00
C LEU A 224 -5.51 -0.56 -6.18
N ALA A 225 -4.86 0.59 -5.93
CA ALA A 225 -3.63 0.60 -5.10
C ALA A 225 -3.90 -0.02 -3.73
N GLN A 226 -5.09 0.19 -3.15
CA GLN A 226 -5.47 -0.38 -1.84
C GLN A 226 -5.41 -1.90 -1.91
N PHE A 227 -5.94 -2.51 -2.98
CA PHE A 227 -5.91 -3.98 -3.10
C PHE A 227 -4.45 -4.41 -3.11
N ARG A 228 -3.61 -3.72 -3.86
CA ARG A 228 -2.22 -4.20 -4.09
C ARG A 228 -1.35 -3.93 -2.87
N SER A 229 -1.85 -3.10 -1.95
CA SER A 229 -1.13 -2.74 -0.70
C SER A 229 -1.42 -3.81 0.37
N LEU A 230 -2.39 -4.69 0.14
CA LEU A 230 -2.58 -5.92 0.95
C LEU A 230 -1.30 -6.77 0.90
N LEU A 231 -0.96 -7.47 2.00
CA LEU A 231 0.32 -8.22 2.07
C LEU A 231 0.03 -9.71 2.08
N SER A 232 0.79 -10.45 1.29
CA SER A 232 0.68 -11.93 1.14
C SER A 232 1.40 -12.63 2.31
N ASN A 233 2.29 -11.91 3.01
CA ASN A 233 3.17 -12.51 4.05
C ASN A 233 2.40 -12.49 5.38
N VAL A 234 2.82 -13.28 6.38
CA VAL A 234 2.24 -13.20 7.74
C VAL A 234 2.94 -12.08 8.49
N GLU A 235 2.30 -11.57 9.54
CA GLU A 235 2.76 -10.44 10.38
C GLU A 235 4.18 -10.74 10.87
N GLY A 236 5.05 -9.73 10.87
CA GLY A 236 6.46 -9.85 11.33
C GLY A 236 7.43 -10.26 10.22
N ASP A 237 6.97 -10.94 9.17
CA ASP A 237 7.83 -11.30 8.00
C ASP A 237 8.02 -10.09 7.09
N ASN A 238 8.96 -10.22 6.14
CA ASN A 238 9.27 -9.22 5.09
C ASN A 238 7.96 -8.96 4.34
N ALA A 239 7.59 -7.69 4.15
CA ALA A 239 6.34 -7.30 3.44
C ALA A 239 6.38 -7.77 1.97
N VAL A 240 5.35 -8.46 1.49
CA VAL A 240 5.27 -8.92 0.07
C VAL A 240 3.91 -8.51 -0.46
N PRO A 241 3.80 -7.34 -1.11
CA PRO A 241 2.52 -6.90 -1.68
C PRO A 241 1.88 -7.96 -2.60
N MET A 242 0.57 -8.02 -2.49
CA MET A 242 -0.33 -8.85 -3.33
C MET A 242 -0.54 -8.10 -4.64
N GLN A 243 0.45 -8.11 -5.54
CA GLN A 243 0.43 -7.24 -6.74
C GLN A 243 -0.60 -7.69 -7.78
N HIS A 244 -0.84 -9.01 -7.93
CA HIS A 244 -1.81 -9.56 -8.91
C HIS A 244 -2.25 -10.99 -8.53
N ASN A 245 -3.43 -11.39 -9.02
CA ASN A 245 -4.07 -12.71 -8.75
C ASN A 245 -5.05 -13.08 -9.89
N ASN A 246 -4.80 -12.61 -11.11
CA ASN A 246 -5.67 -12.91 -12.27
C ASN A 246 -5.07 -14.03 -13.14
N ARG A 247 -5.92 -14.98 -13.47
CA ARG A 247 -5.56 -16.10 -14.38
C ARG A 247 -5.71 -15.63 -15.83
N PRO A 248 -4.77 -16.00 -16.73
CA PRO A 248 -4.96 -15.84 -18.18
C PRO A 248 -6.24 -16.52 -18.68
N THR A 249 -6.83 -15.99 -19.76
CA THR A 249 -7.96 -16.62 -20.44
C THR A 249 -7.50 -17.98 -20.98
N GLN A 250 -8.44 -18.91 -21.06
CA GLN A 250 -8.21 -20.34 -21.39
C GLN A 250 -9.03 -20.64 -22.64
N PRO A 251 -8.66 -21.67 -23.42
CA PRO A 251 -9.44 -22.12 -24.57
C PRO A 251 -10.92 -22.50 -24.34
N LEU A 252 -11.81 -22.08 -25.22
CA LEU A 252 -13.27 -22.38 -25.14
C LEU A 252 -13.49 -23.88 -25.38
N LYS A 253 -12.56 -24.53 -26.09
CA LYS A 253 -12.66 -25.95 -26.54
C LYS A 253 -14.11 -26.19 -26.95
N GLY A 254 -14.62 -25.34 -27.84
CA GLY A 254 -15.92 -25.48 -28.52
C GLY A 254 -17.12 -25.26 -27.62
N ARG A 255 -16.95 -24.72 -26.40
CA ARG A 255 -18.15 -24.32 -25.61
C ARG A 255 -18.77 -23.10 -26.27
N THR A 256 -20.03 -22.85 -25.96
CA THR A 256 -20.82 -21.69 -26.49
C THR A 256 -21.06 -20.67 -25.38
N VAL A 257 -20.68 -19.42 -25.59
CA VAL A 257 -21.10 -18.32 -24.66
C VAL A 257 -22.46 -17.81 -25.11
N ARG A 258 -23.49 -17.92 -24.27
CA ARG A 258 -24.85 -17.42 -24.56
C ARG A 258 -25.01 -16.00 -24.01
N ALA A 259 -25.84 -15.19 -24.69
CA ALA A 259 -26.15 -13.80 -24.35
C ALA A 259 -27.61 -13.68 -23.96
N SER A 260 -27.91 -12.98 -22.89
CA SER A 260 -29.30 -12.70 -22.45
C SER A 260 -29.93 -11.56 -23.27
N PHE A 261 -29.16 -10.96 -24.17
CA PHE A 261 -29.41 -9.63 -24.80
C PHE A 261 -28.92 -9.65 -26.26
N TRP B 6 14.61 15.21 -10.31
CA TRP B 6 15.39 14.36 -9.31
C TRP B 6 14.44 13.44 -8.56
N GLY B 7 14.92 12.23 -8.26
CA GLY B 7 14.22 11.20 -7.48
C GLY B 7 15.19 10.21 -6.89
N TYR B 8 14.77 8.96 -6.72
CA TYR B 8 15.55 7.86 -6.11
C TYR B 8 15.65 6.70 -7.11
N ASP B 9 15.18 6.87 -8.36
CA ASP B 9 15.31 5.87 -9.47
C ASP B 9 16.74 5.84 -9.97
N ASP B 10 17.08 4.83 -10.79
CA ASP B 10 18.40 4.71 -11.45
C ASP B 10 18.59 5.88 -12.43
N LYS B 11 17.51 6.43 -12.98
CA LYS B 11 17.53 7.55 -13.97
C LYS B 11 17.82 8.88 -13.28
N ASN B 12 17.14 9.18 -12.16
CA ASN B 12 17.12 10.53 -11.54
C ASN B 12 17.61 10.49 -10.08
N GLY B 13 18.25 9.38 -9.69
CA GLY B 13 18.60 9.01 -8.30
C GLY B 13 19.92 9.61 -7.84
N PRO B 14 20.34 9.28 -6.60
CA PRO B 14 21.48 9.95 -5.97
C PRO B 14 22.78 9.96 -6.79
N GLU B 15 23.01 8.94 -7.62
CA GLU B 15 24.25 8.85 -8.46
C GLU B 15 24.24 9.96 -9.54
N GLN B 16 23.07 10.44 -9.96
CA GLN B 16 22.83 11.43 -11.06
C GLN B 16 22.66 12.86 -10.51
N TRP B 17 22.43 13.04 -9.21
CA TRP B 17 22.03 14.35 -8.65
C TRP B 17 23.05 15.43 -9.04
N SER B 18 24.35 15.11 -9.03
CA SER B 18 25.46 16.08 -9.29
C SER B 18 25.27 16.82 -10.62
N LYS B 19 24.58 16.25 -11.60
CA LYS B 19 24.34 16.91 -12.92
C LYS B 19 23.51 18.19 -12.70
N LEU B 20 22.40 18.12 -11.97
CA LEU B 20 21.52 19.29 -11.70
C LEU B 20 21.97 20.04 -10.45
N TYR B 21 22.65 19.39 -9.51
CA TYR B 21 23.06 19.95 -8.20
C TYR B 21 24.51 19.57 -7.94
N PRO B 22 25.48 20.32 -8.52
CA PRO B 22 26.91 20.02 -8.36
C PRO B 22 27.42 19.96 -6.91
N ILE B 23 26.73 20.60 -5.98
CA ILE B 23 27.07 20.54 -4.53
C ILE B 23 27.00 19.09 -4.01
N ALA B 24 26.40 18.16 -4.77
CA ALA B 24 26.30 16.71 -4.42
C ALA B 24 27.68 16.08 -4.22
N ASN B 25 28.72 16.65 -4.84
CA ASN B 25 30.13 16.20 -4.70
C ASN B 25 30.90 17.14 -3.78
N GLY B 26 30.21 17.92 -2.94
CA GLY B 26 30.82 18.88 -2.01
C GLY B 26 31.58 18.22 -0.88
N ASN B 27 32.09 19.03 0.04
CA ASN B 27 32.94 18.60 1.17
C ASN B 27 32.11 18.49 2.47
N ASN B 28 30.82 18.83 2.47
CA ASN B 28 29.96 18.77 3.69
C ASN B 28 28.64 18.05 3.39
N GLN B 29 28.68 16.96 2.63
CA GLN B 29 27.47 16.24 2.15
C GLN B 29 27.01 15.24 3.21
N SER B 30 25.70 15.03 3.31
CA SER B 30 25.02 14.11 4.25
C SER B 30 24.20 13.10 3.46
N PRO B 31 23.92 11.88 3.99
CA PRO B 31 24.33 11.44 5.33
C PRO B 31 25.78 10.93 5.30
N VAL B 32 26.28 10.52 6.47
CA VAL B 32 27.63 9.90 6.60
C VAL B 32 27.56 8.68 7.50
N ASP B 33 28.60 7.86 7.41
CA ASP B 33 28.83 6.76 8.38
C ASP B 33 29.45 7.40 9.62
N ILE B 34 28.92 7.07 10.80
CA ILE B 34 29.57 7.47 12.08
C ILE B 34 30.40 6.28 12.55
N LYS B 35 31.74 6.39 12.38
CA LYS B 35 32.75 5.42 12.88
C LYS B 35 33.05 5.79 14.34
N THR B 36 32.47 5.07 15.29
CA THR B 36 32.51 5.43 16.74
C THR B 36 33.95 5.43 17.24
N SER B 37 34.87 4.66 16.63
CA SER B 37 36.28 4.62 17.05
C SER B 37 36.98 5.96 16.75
N GLU B 38 36.46 6.76 15.81
CA GLU B 38 37.04 8.06 15.35
C GLU B 38 36.28 9.27 15.91
N THR B 39 35.18 9.10 16.66
CA THR B 39 34.43 10.27 17.22
C THR B 39 35.28 10.92 18.31
N LYS B 40 35.12 12.24 18.51
CA LYS B 40 35.79 13.02 19.58
C LYS B 40 34.76 13.53 20.58
N HIS B 41 34.98 13.29 21.86
CA HIS B 41 34.21 13.96 22.94
C HIS B 41 34.62 15.44 23.04
N ASP B 42 33.65 16.31 22.89
CA ASP B 42 33.85 17.76 23.02
C ASP B 42 33.09 18.23 24.27
N THR B 43 33.81 18.70 25.29
CA THR B 43 33.23 19.08 26.60
C THR B 43 32.29 20.29 26.46
N SER B 44 32.39 21.02 25.36
CA SER B 44 31.58 22.26 25.09
C SER B 44 30.17 21.91 24.60
N LEU B 45 29.88 20.65 24.26
CA LEU B 45 28.53 20.22 23.80
C LEU B 45 27.60 20.09 24.99
N LYS B 46 26.62 20.98 25.10
CA LYS B 46 25.58 20.92 26.16
C LYS B 46 24.56 19.85 25.83
N PRO B 47 23.77 19.38 26.80
CA PRO B 47 22.65 18.49 26.51
C PRO B 47 21.69 19.24 25.58
N ILE B 48 21.04 18.48 24.70
CA ILE B 48 20.07 18.99 23.68
C ILE B 48 18.75 19.23 24.42
N SER B 49 18.15 20.41 24.27
CA SER B 49 16.84 20.74 24.90
C SER B 49 15.81 20.98 23.79
N VAL B 50 14.75 20.21 23.80
CA VAL B 50 13.63 20.42 22.83
C VAL B 50 12.36 20.67 23.65
N SER B 51 11.66 21.75 23.34
CA SER B 51 10.32 22.07 23.90
C SER B 51 9.46 22.49 22.72
N TYR B 52 8.61 21.57 22.34
CA TYR B 52 7.68 21.77 21.22
C TYR B 52 6.28 21.95 21.79
N ASN B 53 5.64 22.96 21.24
CA ASN B 53 4.23 23.32 21.48
C ASN B 53 3.39 22.51 20.49
N PRO B 54 2.57 21.55 20.94
CA PRO B 54 1.77 20.72 20.04
C PRO B 54 0.68 21.48 19.25
N ALA B 55 0.41 22.73 19.59
CA ALA B 55 -0.49 23.63 18.81
C ALA B 55 0.23 24.15 17.54
N THR B 56 1.55 23.95 17.36
CA THR B 56 2.27 24.47 16.18
C THR B 56 2.13 23.47 15.02
N ALA B 57 1.76 22.23 15.32
CA ALA B 57 1.45 21.18 14.32
C ALA B 57 0.43 21.74 13.32
N LYS B 58 0.68 21.65 12.00
CA LYS B 58 -0.18 22.33 11.00
C LYS B 58 -0.70 21.35 9.94
N GLU B 59 0.17 20.74 9.15
CA GLU B 59 -0.25 20.06 7.90
C GLU B 59 0.59 18.82 7.65
N ILE B 60 -0.01 17.80 7.05
CA ILE B 60 0.70 16.64 6.49
C ILE B 60 0.50 16.66 4.98
N ILE B 61 1.56 16.39 4.24
CA ILE B 61 1.57 16.56 2.76
C ILE B 61 2.43 15.48 2.11
N ASN B 62 1.93 14.95 1.02
CA ASN B 62 2.63 13.99 0.15
C ASN B 62 3.43 14.84 -0.84
N VAL B 63 4.76 14.72 -0.81
CA VAL B 63 5.66 15.54 -1.68
C VAL B 63 6.25 14.69 -2.80
N GLY B 64 5.64 13.55 -3.12
CA GLY B 64 6.06 12.72 -4.27
C GLY B 64 7.15 11.73 -3.91
N HIS B 65 8.25 12.16 -3.31
CA HIS B 65 9.36 11.26 -2.92
C HIS B 65 9.24 10.86 -1.43
N SER B 66 8.43 11.57 -0.67
CA SER B 66 8.26 11.40 0.78
C SER B 66 6.96 12.05 1.22
N PHE B 67 6.74 12.12 2.52
CA PHE B 67 5.65 12.91 3.11
C PHE B 67 6.28 13.70 4.25
N HIS B 68 5.75 14.89 4.47
CA HIS B 68 6.24 15.84 5.48
C HIS B 68 5.09 16.15 6.43
N VAL B 69 5.39 16.34 7.71
CA VAL B 69 4.49 17.00 8.69
C VAL B 69 5.11 18.37 8.97
N ASN B 70 4.40 19.45 8.59
CA ASN B 70 4.85 20.84 8.70
C ASN B 70 4.22 21.52 9.93
N PHE B 71 5.00 22.43 10.52
CA PHE B 71 4.62 23.15 11.77
C PHE B 71 4.52 24.65 11.50
N GLU B 72 3.62 25.32 12.21
CA GLU B 72 3.58 26.80 12.12
C GLU B 72 4.93 27.29 12.61
N ASP B 73 5.66 28.11 11.85
CA ASP B 73 6.99 28.60 12.28
C ASP B 73 7.03 30.14 12.33
N ASN B 74 5.91 30.78 12.71
CA ASN B 74 5.77 32.27 12.76
C ASN B 74 6.51 32.82 13.99
N ASP B 75 6.60 32.06 15.08
CA ASP B 75 7.30 32.45 16.33
C ASP B 75 8.23 31.32 16.83
N ASN B 76 8.79 31.48 18.03
CA ASN B 76 9.68 30.49 18.70
C ASN B 76 8.90 29.75 19.78
N ARG B 77 7.67 29.32 19.53
CA ARG B 77 6.92 28.44 20.48
C ARG B 77 7.51 27.02 20.50
N SER B 78 8.05 26.57 19.38
CA SER B 78 8.62 25.21 19.19
C SER B 78 10.09 25.32 18.85
N VAL B 79 10.99 24.93 19.77
CA VAL B 79 12.42 25.31 19.65
C VAL B 79 13.32 24.16 20.09
N LEU B 80 14.48 24.16 19.42
CA LEU B 80 15.68 23.34 19.73
C LEU B 80 16.75 24.27 20.31
N LYS B 81 17.32 23.91 21.45
CA LYS B 81 18.55 24.61 21.92
C LYS B 81 19.49 23.62 22.60
N GLY B 82 20.69 24.12 22.91
CA GLY B 82 21.70 23.31 23.62
C GLY B 82 22.56 22.59 22.61
N GLY B 83 23.11 21.42 22.96
CA GLY B 83 24.09 20.78 22.06
C GLY B 83 25.15 21.78 21.60
N PRO B 84 25.43 21.87 20.29
CA PRO B 84 26.52 22.73 19.78
C PRO B 84 26.13 24.18 19.47
N PHE B 85 24.90 24.57 19.80
CA PHE B 85 24.27 25.87 19.40
C PHE B 85 24.32 26.87 20.57
N SER B 86 24.54 28.15 20.26
CA SER B 86 24.31 29.31 21.17
C SER B 86 22.89 29.84 20.94
N ASP B 87 22.49 29.83 19.67
CA ASP B 87 21.18 30.31 19.18
C ASP B 87 20.10 29.25 19.43
N SER B 88 18.84 29.69 19.44
CA SER B 88 17.64 28.83 19.37
C SER B 88 17.31 28.55 17.90
N TYR B 89 16.80 27.34 17.62
CA TYR B 89 16.38 26.91 16.28
C TYR B 89 14.88 26.53 16.32
N ARG B 90 14.16 26.99 15.31
CA ARG B 90 12.66 26.90 15.26
C ARG B 90 12.28 25.62 14.51
N LEU B 91 11.47 24.77 15.13
CA LEU B 91 10.87 23.54 14.55
C LEU B 91 10.08 23.94 13.30
N PHE B 92 10.27 23.25 12.17
CA PHE B 92 9.37 23.51 11.01
C PHE B 92 8.80 22.23 10.39
N GLN B 93 9.46 21.08 10.54
CA GLN B 93 9.08 19.87 9.79
C GLN B 93 9.62 18.63 10.49
N PHE B 94 8.91 17.51 10.41
CA PHE B 94 9.56 16.19 10.56
C PHE B 94 9.14 15.31 9.39
N HIS B 95 10.00 14.37 9.06
CA HIS B 95 9.72 13.37 8.01
C HIS B 95 10.59 12.14 8.26
N PHE B 96 10.39 11.14 7.43
CA PHE B 96 11.09 9.86 7.53
C PHE B 96 11.81 9.58 6.20
N HIS B 97 12.78 8.68 6.29
CA HIS B 97 13.38 7.96 5.15
C HIS B 97 13.25 6.47 5.44
N TRP B 98 13.09 5.71 4.39
CA TRP B 98 12.97 4.24 4.47
C TRP B 98 13.53 3.67 3.17
N GLY B 99 13.69 2.35 3.14
CA GLY B 99 14.32 1.65 2.02
C GLY B 99 13.40 0.57 1.44
N SER B 100 13.81 -0.05 0.35
CA SER B 100 12.90 -0.98 -0.37
C SER B 100 12.81 -2.28 0.44
N THR B 101 13.78 -2.53 1.31
CA THR B 101 13.75 -3.62 2.32
C THR B 101 13.89 -3.07 3.74
N ASN B 102 13.63 -3.90 4.75
CA ASN B 102 13.88 -3.58 6.18
C ASN B 102 15.37 -3.53 6.51
N GLU B 103 16.25 -4.04 5.64
CA GLU B 103 17.70 -4.23 5.94
C GLU B 103 18.46 -2.91 5.75
N HIS B 104 17.92 -1.98 4.95
CA HIS B 104 18.59 -0.70 4.69
C HIS B 104 17.55 0.33 4.27
N GLY B 105 17.10 1.11 5.26
CA GLY B 105 16.20 2.25 5.04
C GLY B 105 16.72 3.52 5.66
N SER B 106 17.73 3.45 6.53
CA SER B 106 18.28 4.66 7.22
C SER B 106 19.19 5.39 6.25
N GLU B 107 19.56 6.61 6.61
CA GLU B 107 20.46 7.46 5.81
C GLU B 107 21.81 7.39 6.51
N HIS B 108 21.87 7.83 7.75
CA HIS B 108 23.08 7.69 8.57
C HIS B 108 23.26 6.20 8.92
N THR B 109 24.51 5.78 9.03
CA THR B 109 24.88 4.42 9.50
C THR B 109 25.83 4.61 10.67
N VAL B 110 25.93 3.63 11.56
CA VAL B 110 26.83 3.67 12.74
C VAL B 110 27.76 2.45 12.63
N ASP B 111 29.07 2.69 12.50
CA ASP B 111 30.08 1.61 12.30
C ASP B 111 29.62 0.68 11.17
N GLY B 112 29.12 1.22 10.06
CA GLY B 112 28.66 0.46 8.87
C GLY B 112 27.29 -0.18 9.00
N VAL B 113 26.61 -0.09 10.13
CA VAL B 113 25.32 -0.78 10.32
C VAL B 113 24.20 0.14 9.81
N LYS B 114 23.41 -0.41 8.93
CA LYS B 114 22.24 0.24 8.32
C LYS B 114 20.98 -0.16 9.08
N TYR B 115 20.19 0.81 9.48
CA TYR B 115 18.91 0.61 10.21
C TYR B 115 17.77 0.57 9.19
N SER B 116 16.56 0.27 9.63
CA SER B 116 15.38 0.09 8.75
C SER B 116 14.83 1.44 8.25
N ALA B 117 15.01 2.53 8.99
CA ALA B 117 14.37 3.82 8.68
C ALA B 117 15.06 4.91 9.49
N GLU B 118 14.74 6.16 9.23
CA GLU B 118 15.34 7.31 9.96
C GLU B 118 14.29 8.43 10.07
N LEU B 119 14.14 8.96 11.26
CA LEU B 119 13.30 10.13 11.53
C LEU B 119 14.20 11.35 11.47
N HIS B 120 13.76 12.40 10.77
CA HIS B 120 14.39 13.74 10.70
C HIS B 120 13.46 14.80 11.28
N VAL B 121 13.93 15.50 12.30
CA VAL B 121 13.18 16.66 12.90
C VAL B 121 13.99 17.93 12.58
N ALA B 122 13.47 18.77 11.70
CA ALA B 122 14.19 19.88 11.06
C ALA B 122 13.78 21.24 11.69
N HIS B 123 14.77 22.11 11.90
CA HIS B 123 14.65 23.41 12.62
C HIS B 123 15.49 24.46 11.90
N TRP B 124 15.11 25.77 11.94
CA TRP B 124 15.90 26.85 11.27
C TRP B 124 16.27 27.96 12.29
N ASN B 125 17.40 28.63 12.06
CA ASN B 125 18.04 29.55 13.05
C ASN B 125 17.18 30.83 13.16
N SER B 126 16.32 30.95 14.18
CA SER B 126 15.40 32.12 14.33
C SER B 126 16.01 33.24 15.18
N ALA B 127 17.29 33.15 15.56
CA ALA B 127 18.04 34.21 16.27
C ALA B 127 18.81 35.07 15.26
N LYS B 128 19.36 34.46 14.19
CA LYS B 128 20.26 35.11 13.19
C LYS B 128 19.49 35.43 11.91
N TYR B 129 18.46 34.64 11.62
CA TYR B 129 17.57 34.86 10.45
C TYR B 129 16.13 34.97 10.96
N SER B 130 15.24 35.34 10.03
CA SER B 130 13.81 35.67 10.30
C SER B 130 12.87 34.80 9.46
N SER B 131 13.39 33.98 8.53
CA SER B 131 12.60 33.00 7.71
C SER B 131 13.39 31.71 7.42
N LEU B 132 12.67 30.67 7.01
CA LEU B 132 13.21 29.38 6.50
C LEU B 132 13.91 29.63 5.15
N ALA B 133 13.23 30.33 4.25
CA ALA B 133 13.74 30.69 2.90
C ALA B 133 15.16 31.26 3.04
N GLU B 134 15.37 32.14 4.01
CA GLU B 134 16.66 32.84 4.25
C GLU B 134 17.64 31.88 4.91
N ALA B 135 17.20 31.17 5.95
CA ALA B 135 18.06 30.34 6.82
C ALA B 135 18.66 29.19 6.00
N ALA B 136 17.99 28.78 4.90
CA ALA B 136 18.10 27.45 4.26
C ALA B 136 19.45 27.26 3.56
N SER B 137 20.14 28.32 3.16
CA SER B 137 21.41 28.18 2.40
C SER B 137 22.57 28.74 3.24
N LYS B 138 22.34 29.07 4.52
CA LYS B 138 23.38 29.55 5.49
C LYS B 138 23.97 28.35 6.25
N ALA B 139 25.30 28.23 6.29
CA ALA B 139 26.04 27.11 6.91
C ALA B 139 25.46 26.83 8.32
N ASP B 140 25.05 27.89 9.04
CA ASP B 140 24.49 27.83 10.43
C ASP B 140 22.96 27.95 10.42
N GLY B 141 22.31 27.74 9.27
CA GLY B 141 20.87 28.00 9.08
C GLY B 141 19.95 26.90 9.63
N LEU B 142 20.27 25.62 9.37
CA LEU B 142 19.40 24.49 9.76
C LEU B 142 20.07 23.58 10.80
N ALA B 143 19.25 22.98 11.61
CA ALA B 143 19.59 21.92 12.57
C ALA B 143 18.57 20.79 12.39
N VAL B 144 19.05 19.57 12.14
CA VAL B 144 18.17 18.38 12.00
C VAL B 144 18.61 17.34 13.02
N ILE B 145 17.65 16.89 13.81
CA ILE B 145 17.79 15.70 14.68
C ILE B 145 17.47 14.46 13.83
N GLY B 146 18.38 13.49 13.81
CA GLY B 146 18.14 12.18 13.19
C GLY B 146 18.07 11.10 14.24
N VAL B 147 17.08 10.25 14.08
CA VAL B 147 16.82 9.10 14.98
C VAL B 147 16.76 7.87 14.08
N LEU B 148 17.66 6.94 14.34
CA LEU B 148 17.69 5.64 13.65
C LEU B 148 16.53 4.80 14.13
N MET B 149 15.88 4.11 13.19
CA MET B 149 14.66 3.30 13.49
C MET B 149 14.99 1.84 13.18
N LYS B 150 14.90 1.00 14.22
CA LYS B 150 15.25 -0.44 14.18
C LYS B 150 13.96 -1.28 14.06
N VAL B 151 13.84 -2.06 13.00
CA VAL B 151 12.69 -2.99 12.78
C VAL B 151 12.56 -3.95 13.97
N GLY B 152 11.35 -4.02 14.52
CA GLY B 152 11.04 -4.89 15.67
C GLY B 152 9.58 -4.76 16.02
N GLU B 153 9.29 -4.43 17.27
CA GLU B 153 7.91 -4.20 17.78
C GLU B 153 7.29 -2.93 17.16
N ALA B 154 5.98 -2.95 16.89
CA ALA B 154 5.23 -1.75 16.49
C ALA B 154 5.54 -0.63 17.47
N ASN B 155 5.75 0.57 16.94
CA ASN B 155 5.96 1.79 17.72
C ASN B 155 4.63 2.53 17.82
N PRO B 156 3.93 2.51 18.97
CA PRO B 156 2.61 3.16 19.05
C PRO B 156 2.70 4.68 18.93
N LYS B 157 3.88 5.28 19.18
CA LYS B 157 4.07 6.74 19.06
C LYS B 157 3.86 7.18 17.60
N LEU B 158 4.02 6.28 16.63
CA LEU B 158 3.83 6.55 15.18
C LEU B 158 2.35 6.63 14.76
N GLN B 159 1.42 6.21 15.61
CA GLN B 159 0.01 5.88 15.24
C GLN B 159 -0.67 7.08 14.57
N LYS B 160 -0.59 8.26 15.15
CA LYS B 160 -1.33 9.42 14.62
C LYS B 160 -0.76 9.71 13.24
N VAL B 161 0.57 9.59 13.06
CA VAL B 161 1.18 9.85 11.71
C VAL B 161 0.67 8.82 10.71
N LEU B 162 0.79 7.52 11.02
CA LEU B 162 0.38 6.43 10.09
C LEU B 162 -1.12 6.51 9.76
N ASP B 163 -2.01 6.82 10.73
CA ASP B 163 -3.48 7.00 10.55
C ASP B 163 -3.78 8.14 9.54
N ALA B 164 -2.94 9.17 9.48
CA ALA B 164 -3.15 10.36 8.63
C ALA B 164 -2.82 10.06 7.16
N LEU B 165 -2.03 9.02 6.90
CA LEU B 165 -1.51 8.74 5.53
C LEU B 165 -2.65 8.43 4.51
N GLN B 166 -3.75 7.81 4.92
CA GLN B 166 -4.85 7.47 3.97
C GLN B 166 -5.44 8.76 3.36
N ALA B 167 -5.25 9.93 3.97
CA ALA B 167 -5.81 11.19 3.43
C ALA B 167 -4.82 11.84 2.44
N ILE B 168 -3.60 11.32 2.32
CA ILE B 168 -2.56 11.96 1.46
C ILE B 168 -1.88 10.90 0.61
N LYS B 169 -2.66 10.04 -0.05
CA LYS B 169 -2.10 8.85 -0.72
C LYS B 169 -1.25 9.22 -1.95
N THR B 170 -1.64 10.28 -2.68
CA THR B 170 -0.94 10.68 -3.92
C THR B 170 -0.24 12.05 -3.81
N LYS B 171 0.67 12.28 -4.73
CA LYS B 171 1.53 13.49 -4.79
C LYS B 171 0.68 14.75 -4.80
N GLY B 172 0.96 15.69 -3.89
CA GLY B 172 0.27 16.98 -3.83
C GLY B 172 -0.86 16.98 -2.85
N LYS B 173 -1.33 15.82 -2.36
CA LYS B 173 -2.41 15.83 -1.34
C LYS B 173 -1.82 16.33 -0.03
N ARG B 174 -2.66 17.03 0.73
CA ARG B 174 -2.31 17.57 2.05
C ARG B 174 -3.58 17.53 2.91
N ALA B 175 -3.42 17.52 4.23
CA ALA B 175 -4.52 17.48 5.18
C ALA B 175 -4.05 18.17 6.45
N PRO B 176 -4.96 18.78 7.23
CA PRO B 176 -4.61 19.36 8.51
C PRO B 176 -4.06 18.22 9.37
N PHE B 177 -3.05 18.56 10.17
CA PHE B 177 -2.41 17.67 11.16
C PHE B 177 -2.10 18.55 12.37
N THR B 178 -2.86 18.39 13.44
CA THR B 178 -2.84 19.34 14.57
C THR B 178 -2.63 18.58 15.86
N ASN B 179 -2.29 19.36 16.89
CA ASN B 179 -2.20 18.89 18.29
C ASN B 179 -1.20 17.71 18.36
N PHE B 180 0.08 17.92 18.00
CA PHE B 180 1.13 16.86 17.99
C PHE B 180 2.49 17.44 18.37
N ASP B 181 3.07 16.87 19.44
CA ASP B 181 4.46 17.13 19.89
C ASP B 181 5.37 16.05 19.33
N PRO B 182 6.21 16.34 18.32
CA PRO B 182 7.08 15.29 17.75
C PRO B 182 8.26 14.88 18.64
N SER B 183 8.53 15.58 19.76
CA SER B 183 9.51 15.14 20.80
C SER B 183 9.07 13.79 21.37
N THR B 184 7.78 13.44 21.31
CA THR B 184 7.24 12.14 21.71
C THR B 184 7.85 11.00 20.87
N LEU B 185 8.39 11.29 19.71
CA LEU B 185 9.00 10.27 18.81
C LEU B 185 10.47 10.04 19.16
N LEU B 186 11.08 10.89 19.97
CA LEU B 186 12.52 10.77 20.35
C LEU B 186 12.76 9.62 21.31
N PRO B 187 14.00 9.08 21.37
CA PRO B 187 14.33 8.05 22.34
C PRO B 187 14.43 8.72 23.73
N SER B 188 14.43 7.91 24.81
CA SER B 188 14.44 8.39 26.22
C SER B 188 15.65 9.28 26.50
N SER B 189 16.84 8.79 26.11
CA SER B 189 18.14 9.49 26.21
C SER B 189 18.42 10.29 24.95
N LEU B 190 18.98 11.48 25.09
CA LEU B 190 19.30 12.34 23.94
C LEU B 190 20.81 12.52 23.89
N ASP B 191 21.60 11.50 24.25
CA ASP B 191 23.05 11.46 23.88
C ASP B 191 23.12 11.54 22.35
N PHE B 192 24.09 12.26 21.78
CA PHE B 192 24.14 12.50 20.33
C PHE B 192 25.57 12.64 19.85
N TRP B 193 25.70 12.37 18.55
CA TRP B 193 26.81 12.81 17.69
C TRP B 193 26.39 14.08 16.95
N THR B 194 27.32 14.96 16.67
CA THR B 194 27.03 16.11 15.78
C THR B 194 28.16 16.25 14.77
N TYR B 195 27.82 16.71 13.57
CA TYR B 195 28.77 17.03 12.46
C TYR B 195 28.12 18.06 11.55
N PRO B 196 28.93 18.86 10.83
CA PRO B 196 28.41 19.78 9.83
C PRO B 196 28.17 19.09 8.50
N GLY B 197 26.96 19.24 7.96
CA GLY B 197 26.60 18.58 6.71
C GLY B 197 25.53 19.32 5.95
N SER B 198 24.71 18.56 5.25
CA SER B 198 23.87 19.02 4.13
C SER B 198 22.46 18.50 4.31
N LEU B 199 21.55 19.07 3.53
CA LEU B 199 20.26 18.39 3.20
C LEU B 199 20.64 17.09 2.49
N THR B 200 19.92 15.99 2.75
CA THR B 200 20.24 14.67 2.17
C THR B 200 19.57 14.45 0.81
N HIS B 201 18.80 15.41 0.32
CA HIS B 201 18.28 15.34 -1.08
C HIS B 201 18.33 16.76 -1.65
N PRO B 202 18.19 16.90 -2.99
CA PRO B 202 18.19 18.22 -3.63
C PRO B 202 17.28 19.20 -2.91
N PRO B 203 17.69 20.47 -2.70
CA PRO B 203 18.89 21.05 -3.32
C PRO B 203 20.24 20.82 -2.63
N LEU B 204 20.32 19.92 -1.64
CA LEU B 204 21.64 19.41 -1.08
C LEU B 204 22.48 20.54 -0.48
N TYR B 205 21.84 21.63 -0.07
CA TYR B 205 22.50 22.78 0.59
C TYR B 205 23.34 22.28 1.76
N GLU B 206 24.55 22.80 1.92
CA GLU B 206 25.44 22.43 3.04
C GLU B 206 25.17 23.36 4.22
N SER B 207 23.97 23.27 4.77
CA SER B 207 23.38 24.26 5.72
C SER B 207 22.93 23.62 7.01
N VAL B 208 23.23 22.32 7.23
CA VAL B 208 22.63 21.56 8.36
C VAL B 208 23.69 21.24 9.41
N THR B 209 23.42 21.60 10.66
CA THR B 209 24.09 20.98 11.81
C THR B 209 23.30 19.73 12.17
N TRP B 210 23.91 18.55 11.95
CA TRP B 210 23.31 17.23 12.25
C TRP B 210 23.47 16.90 13.73
N ILE B 211 22.36 16.52 14.35
CA ILE B 211 22.27 15.91 15.71
C ILE B 211 21.76 14.47 15.54
N ILE B 212 22.66 13.49 15.63
CA ILE B 212 22.30 12.06 15.48
C ILE B 212 22.19 11.43 16.86
N CYS B 213 20.99 10.97 17.23
CA CYS B 213 20.79 10.32 18.54
C CYS B 213 21.56 8.99 18.57
N LYS B 214 22.28 8.77 19.67
CA LYS B 214 22.97 7.50 19.92
C LYS B 214 21.94 6.39 20.05
N GLU B 215 20.78 6.66 20.64
CA GLU B 215 19.77 5.61 20.83
C GLU B 215 18.79 5.60 19.64
N SER B 216 18.37 4.40 19.27
CA SER B 216 17.39 4.16 18.18
C SER B 216 15.98 4.03 18.76
N ILE B 217 14.96 4.05 17.91
CA ILE B 217 13.56 3.75 18.24
C ILE B 217 13.10 2.58 17.39
N SER B 218 11.99 1.97 17.77
CA SER B 218 11.42 0.78 17.08
CA SER B 218 11.45 0.78 17.06
C SER B 218 10.51 1.21 15.93
N VAL B 219 10.23 0.28 15.05
CA VAL B 219 9.18 0.37 14.00
C VAL B 219 8.93 -1.08 13.58
N SER B 220 7.70 -1.44 13.28
CA SER B 220 7.38 -2.80 12.82
C SER B 220 7.53 -2.87 11.31
N SER B 221 7.58 -4.10 10.81
CA SER B 221 7.63 -4.38 9.37
C SER B 221 6.36 -3.83 8.70
N GLU B 222 5.21 -3.89 9.36
CA GLU B 222 3.93 -3.48 8.76
C GLU B 222 3.84 -1.93 8.79
N GLN B 223 4.39 -1.30 9.82
CA GLN B 223 4.47 0.18 9.85
C GLN B 223 5.32 0.64 8.67
N LEU B 224 6.46 0.00 8.39
CA LEU B 224 7.28 0.39 7.21
C LEU B 224 6.48 0.19 5.92
N ALA B 225 5.71 -0.90 5.83
CA ALA B 225 4.90 -1.16 4.63
C ALA B 225 3.88 -0.02 4.41
N GLN B 226 3.36 0.61 5.47
CA GLN B 226 2.43 1.76 5.35
C GLN B 226 3.16 2.91 4.65
N PHE B 227 4.39 3.25 5.06
CA PHE B 227 5.23 4.25 4.38
C PHE B 227 5.30 3.93 2.90
N ARG B 228 5.61 2.67 2.57
CA ARG B 228 5.86 2.22 1.18
C ARG B 228 4.58 2.12 0.37
N SER B 229 3.42 2.13 1.02
CA SER B 229 2.10 2.14 0.35
C SER B 229 1.73 3.56 -0.10
N LEU B 230 2.45 4.59 0.36
CA LEU B 230 2.27 5.96 -0.20
C LEU B 230 2.63 5.93 -1.69
N LEU B 231 1.93 6.73 -2.46
CA LEU B 231 2.09 6.81 -3.93
C LEU B 231 2.83 8.09 -4.33
N SER B 232 3.83 7.94 -5.20
CA SER B 232 4.66 9.06 -5.76
C SER B 232 3.92 9.80 -6.89
N ASN B 233 2.92 9.17 -7.50
CA ASN B 233 2.22 9.68 -8.72
C ASN B 233 1.10 10.62 -8.25
N VAL B 234 0.61 11.46 -9.15
CA VAL B 234 -0.59 12.29 -8.86
C VAL B 234 -1.84 11.41 -9.02
N GLU B 235 -2.94 11.85 -8.43
CA GLU B 235 -4.26 11.16 -8.44
C GLU B 235 -4.67 10.92 -9.89
N GLY B 236 -5.19 9.74 -10.19
CA GLY B 236 -5.64 9.39 -11.56
C GLY B 236 -4.58 8.66 -12.36
N ASP B 237 -3.29 8.96 -12.19
CA ASP B 237 -2.20 8.24 -12.91
C ASP B 237 -2.05 6.85 -12.26
N ASN B 238 -1.34 5.94 -12.95
CA ASN B 238 -1.20 4.55 -12.45
C ASN B 238 -0.40 4.62 -11.16
N ALA B 239 -0.80 3.85 -10.14
CA ALA B 239 -0.22 3.90 -8.77
C ALA B 239 1.26 3.46 -8.82
N VAL B 240 2.16 4.23 -8.20
CA VAL B 240 3.62 3.93 -8.13
C VAL B 240 4.04 4.12 -6.67
N PRO B 241 4.11 3.01 -5.93
CA PRO B 241 4.48 3.03 -4.52
C PRO B 241 5.81 3.72 -4.28
N MET B 242 5.87 4.48 -3.19
CA MET B 242 7.08 5.13 -2.63
C MET B 242 7.96 4.07 -1.98
N GLN B 243 8.73 3.36 -2.77
CA GLN B 243 9.48 2.17 -2.30
C GLN B 243 10.65 2.57 -1.40
N HIS B 244 11.36 3.66 -1.68
CA HIS B 244 12.59 4.04 -0.93
C HIS B 244 12.90 5.52 -1.15
N ASN B 245 13.61 6.12 -0.21
CA ASN B 245 14.01 7.54 -0.32
C ASN B 245 15.23 7.83 0.57
N ASN B 246 16.13 6.86 0.67
CA ASN B 246 17.37 6.99 1.47
C ASN B 246 18.56 7.23 0.55
N ARG B 247 19.34 8.26 0.83
CA ARG B 247 20.63 8.53 0.13
C ARG B 247 21.76 7.71 0.75
N PRO B 248 22.69 7.15 -0.06
CA PRO B 248 23.89 6.51 0.47
C PRO B 248 24.77 7.47 1.28
N THR B 249 25.60 6.95 2.16
CA THR B 249 26.55 7.73 2.96
C THR B 249 27.61 8.30 1.99
N GLN B 250 28.08 9.49 2.33
CA GLN B 250 28.99 10.35 1.55
C GLN B 250 30.27 10.50 2.33
N PRO B 251 31.39 10.78 1.62
CA PRO B 251 32.68 10.94 2.28
C PRO B 251 32.65 12.09 3.29
N LEU B 252 33.24 11.80 4.45
CA LEU B 252 33.49 12.76 5.54
C LEU B 252 34.44 13.89 5.08
N LYS B 253 35.32 13.65 4.10
CA LYS B 253 36.25 14.65 3.50
C LYS B 253 36.86 15.55 4.58
N GLY B 254 37.29 14.94 5.68
CA GLY B 254 38.11 15.59 6.72
C GLY B 254 37.29 16.18 7.85
N ARG B 255 35.97 15.97 7.87
CA ARG B 255 35.10 16.49 8.96
C ARG B 255 35.26 15.60 10.19
N THR B 256 35.04 16.18 11.36
CA THR B 256 35.03 15.47 12.66
C THR B 256 33.59 15.24 13.11
N VAL B 257 33.28 14.02 13.49
CA VAL B 257 32.01 13.72 14.20
C VAL B 257 32.29 13.86 15.68
N ARG B 258 31.62 14.80 16.38
CA ARG B 258 31.82 15.00 17.84
C ARG B 258 30.76 14.19 18.60
N ALA B 259 31.11 13.73 19.80
CA ALA B 259 30.22 12.97 20.71
C ALA B 259 29.88 13.83 21.92
N SER B 260 28.61 13.82 22.35
CA SER B 260 28.13 14.46 23.61
C SER B 260 28.53 13.59 24.81
N PHE B 261 28.95 12.34 24.58
CA PHE B 261 28.99 11.25 25.58
C PHE B 261 30.29 10.46 25.37
ZN ZN C . -12.57 -15.27 -8.40
N3 V2I D . -11.30 -21.89 -2.91
C4 V2I D . -11.46 -20.61 -2.45
C7 V2I D . -13.59 -22.27 -3.32
C8 V2I D . -14.83 -23.00 -3.71
C10 V2I D . -14.45 -24.92 -2.23
C13 V2I D . -13.79 -20.77 -3.29
C15 V2I D . -14.96 -19.60 -5.21
C17 V2I D . -13.80 -18.97 -7.20
C2 V2I D . -12.34 -22.77 -3.15
C1 V2I D . -11.89 -24.19 -3.20
C16 V2I D . -14.96 -19.01 -6.46
C14 V2I D . -13.81 -20.17 -4.70
C11 V2I D . -14.07 -26.44 -2.42
N5 V2I D . -12.73 -20.15 -2.49
O6 V2I D . -10.50 -19.93 -2.08
O9 V2I D . -14.97 -24.32 -3.47
O12 V2I D . -15.78 -22.38 -4.13
S18 V2I D . -13.76 -18.05 -8.70
O19 V2I D . -14.90 -17.20 -8.66
N20 V2I D . -12.44 -17.17 -8.74
O21 V2I D . -13.64 -19.02 -9.77
C22 V2I D . -12.64 -19.53 -6.72
C23 V2I D . -12.65 -20.13 -5.47
ZN ZN E . 15.39 13.77 5.75
N3 V2I F . 13.17 20.56 0.83
C4 V2I F . 12.23 19.81 1.48
C7 V2I F . 13.83 21.78 2.74
C8 V2I F . 14.52 22.82 3.60
C10 V2I F . 13.98 24.57 1.97
C13 V2I F . 13.22 20.66 3.57
C15 V2I F . 14.64 19.61 5.39
C17 V2I F . 15.98 17.66 4.98
C2 V2I F . 13.82 21.64 1.39
C1 V2I F . 14.48 22.50 0.35
C16 V2I F . 15.50 18.62 5.86
C14 V2I F . 14.26 19.64 4.06
C11 V2I F . 13.47 25.96 2.27
N5 V2I F . 12.15 20.02 2.79
O6 V2I F . 11.55 18.98 0.89
O9 V2I F . 14.75 24.05 3.10
O12 V2I F . 14.78 22.59 4.75
S18 V2I F . 17.01 16.36 5.57
O19 V2I F . 16.80 16.25 6.98
N20 V2I F . 16.60 14.99 4.85
O21 V2I F . 18.38 16.65 5.13
C22 V2I F . 15.60 17.69 3.64
C23 V2I F . 14.74 18.68 3.20
#